data_9HST
#
_entry.id   9HST
#
_cell.length_a   50.480
_cell.length_b   69.940
_cell.length_c   118.565
_cell.angle_alpha   90.000
_cell.angle_beta   90.000
_cell.angle_gamma   90.000
#
_symmetry.space_group_name_H-M   'I 2 2 2'
#
loop_
_entity.id
_entity.type
_entity.pdbx_description
1 polymer 'choline-phosphate cytidylyltransferase'
2 non-polymer piperazin-2-one
3 water water
#
_entity_poly.entity_id   1
_entity_poly.type   'polypeptide(L)'
_entity_poly.pdbx_seq_one_letter_code
;GHMAVPDDDDDDDNSNDESEYESSQMDSEKNKGSIKNSKNVVIYADGVYDMLHLGHMKQLEQAKKLFENTTLIVGVTSDN
ETKLFKGQVVQTLEERTETLKHIRWVDEIISPCPWVVTPEFLEKYKIDYVAHDDIPYANNQKEDIYAWLKRAGKFKATQR
TEGVSTTDLIVRILKNYED
;
_entity_poly.pdbx_strand_id   A
#
# COMPACT_ATOMS: atom_id res chain seq x y z
N LYS A 39 18.11 -15.77 -4.49
CA LYS A 39 18.48 -14.36 -4.43
C LYS A 39 17.23 -13.47 -4.36
N ASN A 40 16.05 -14.05 -4.61
CA ASN A 40 14.83 -13.27 -4.75
C ASN A 40 14.10 -13.09 -3.42
N VAL A 41 13.59 -11.88 -3.18
CA VAL A 41 13.06 -11.47 -1.88
C VAL A 41 11.60 -11.07 -2.08
N VAL A 42 10.72 -11.61 -1.25
CA VAL A 42 9.30 -11.30 -1.29
C VAL A 42 9.00 -10.17 -0.31
N ILE A 43 8.53 -9.05 -0.85
CA ILE A 43 8.12 -7.88 -0.09
C ILE A 43 6.61 -7.80 -0.09
N TYR A 44 6.02 -7.44 1.04
CA TYR A 44 4.57 -7.33 1.14
C TYR A 44 4.20 -5.94 1.61
N ALA A 45 3.38 -5.24 0.84
CA ALA A 45 2.88 -3.92 1.21
C ALA A 45 1.38 -3.89 1.03
N ASP A 46 0.67 -3.53 2.08
CA ASP A 46 -0.78 -3.47 2.05
C ASP A 46 -1.22 -2.03 2.31
N GLY A 47 -2.47 -1.77 1.98
CA GLY A 47 -3.03 -0.46 2.16
C GLY A 47 -4.43 -0.40 1.60
N VAL A 48 -5.04 0.76 1.72
CA VAL A 48 -6.33 0.96 1.12
C VAL A 48 -6.18 1.28 -0.35
N TYR A 49 -5.13 2.00 -0.70
CA TYR A 49 -4.85 2.41 -2.06
C TYR A 49 -6.04 3.12 -2.68
N ASP A 50 -6.80 3.85 -1.87
CA ASP A 50 -7.95 4.54 -2.39
C ASP A 50 -7.51 5.71 -3.24
N MET A 51 -8.12 5.87 -4.41
CA MET A 51 -7.81 6.94 -5.35
C MET A 51 -6.31 7.12 -5.56
N LEU A 52 -5.69 6.16 -6.22
CA LEU A 52 -4.24 6.06 -6.25
C LEU A 52 -3.59 7.27 -6.88
N HIS A 53 -2.50 7.75 -6.26
CA HIS A 53 -1.80 8.95 -6.73
C HIS A 53 -0.28 8.73 -6.65
N LEU A 54 0.45 9.75 -7.12
CA LEU A 54 1.90 9.69 -7.22
C LEU A 54 2.55 9.28 -5.90
N GLY A 55 1.93 9.66 -4.78
CA GLY A 55 2.45 9.25 -3.49
C GLY A 55 2.39 7.75 -3.28
N HIS A 56 1.29 7.11 -3.69
CA HIS A 56 1.21 5.65 -3.61
C HIS A 56 2.26 5.01 -4.50
N MET A 57 2.48 5.58 -5.68
CA MET A 57 3.37 4.95 -6.65
C MET A 57 4.83 5.06 -6.20
N LYS A 58 5.26 6.22 -5.73
CA LYS A 58 6.62 6.29 -5.20
C LYS A 58 6.80 5.32 -4.05
N GLN A 59 5.76 5.14 -3.23
CA GLN A 59 5.83 4.17 -2.15
C GLN A 59 6.03 2.76 -2.68
N LEU A 60 5.22 2.37 -3.68
CA LEU A 60 5.35 1.04 -4.25
C LEU A 60 6.70 0.88 -4.95
N GLU A 61 7.15 1.90 -5.67
CA GLU A 61 8.49 1.87 -6.24
C GLU A 61 9.52 1.59 -5.18
N GLN A 62 9.37 2.24 -4.02
CA GLN A 62 10.38 2.12 -2.98
C GLN A 62 10.46 0.69 -2.46
N ALA A 63 9.34 0.14 -2.01
CA ALA A 63 9.32 -1.24 -1.58
C ALA A 63 9.89 -2.14 -2.66
N LYS A 64 9.46 -1.96 -3.90
CA LYS A 64 9.90 -2.83 -4.97
C LYS A 64 11.43 -2.85 -5.07
N LYS A 65 12.07 -1.68 -4.98
CA LYS A 65 13.52 -1.58 -5.10
C LYS A 65 14.24 -1.69 -3.78
N LEU A 66 13.60 -2.24 -2.75
CA LEU A 66 14.33 -2.51 -1.52
C LEU A 66 15.52 -3.44 -1.75
N PHE A 67 15.44 -4.35 -2.72
CA PHE A 67 16.58 -5.22 -3.03
C PHE A 67 16.68 -5.43 -4.53
N GLU A 68 17.84 -5.97 -4.96
CA GLU A 68 18.07 -6.15 -6.39
C GLU A 68 17.01 -7.05 -7.01
N ASN A 69 16.59 -8.11 -6.32
CA ASN A 69 15.67 -9.12 -6.84
C ASN A 69 14.49 -9.28 -5.90
N THR A 70 13.37 -8.68 -6.25
CA THR A 70 12.20 -8.74 -5.40
C THR A 70 10.97 -9.16 -6.18
N THR A 71 10.04 -9.74 -5.43
CA THR A 71 8.65 -9.87 -5.83
C THR A 71 7.83 -9.00 -4.89
N LEU A 72 7.16 -7.97 -5.44
CA LEU A 72 6.28 -7.11 -4.63
C LEU A 72 4.88 -7.70 -4.65
N ILE A 73 4.38 -8.06 -3.47
CA ILE A 73 2.98 -8.43 -3.30
C ILE A 73 2.30 -7.26 -2.60
N VAL A 74 1.15 -6.85 -3.12
CA VAL A 74 0.38 -5.75 -2.57
C VAL A 74 -0.93 -6.33 -2.04
N GLY A 75 -1.29 -5.94 -0.82
CA GLY A 75 -2.57 -6.29 -0.24
C GLY A 75 -3.48 -5.08 -0.27
N VAL A 76 -4.70 -5.30 -0.73
CA VAL A 76 -5.69 -4.25 -0.90
C VAL A 76 -6.79 -4.49 0.12
N THR A 77 -6.95 -3.55 1.06
CA THR A 77 -7.85 -3.77 2.19
C THR A 77 -9.30 -3.82 1.74
N SER A 78 -10.12 -4.50 2.51
CA SER A 78 -11.50 -4.72 2.11
C SER A 78 -12.35 -3.50 2.44
N ASP A 79 -13.49 -3.39 1.74
CA ASP A 79 -14.37 -2.24 1.94
C ASP A 79 -14.82 -2.13 3.40
N ASN A 80 -15.47 -3.17 3.90
CA ASN A 80 -16.08 -3.05 5.22
C ASN A 80 -15.02 -2.80 6.29
N GLU A 81 -13.85 -3.44 6.18
CA GLU A 81 -12.83 -3.27 7.21
C GLU A 81 -12.22 -1.87 7.14
N THR A 82 -12.01 -1.34 5.93
CA THR A 82 -11.51 0.03 5.83
C THR A 82 -12.49 1.01 6.44
N LYS A 83 -13.73 1.02 5.97
CA LYS A 83 -14.74 1.88 6.56
C LYS A 83 -14.82 1.70 8.07
N LEU A 84 -14.62 0.48 8.56
CA LEU A 84 -14.88 0.21 9.97
C LEU A 84 -13.74 0.72 10.84
N PHE A 85 -12.50 0.47 10.44
CA PHE A 85 -11.35 0.84 11.25
C PHE A 85 -10.78 2.20 10.87
N LYS A 86 -10.63 2.47 9.57
CA LYS A 86 -10.12 3.75 9.11
C LYS A 86 -11.22 4.80 9.00
N GLY A 87 -11.93 4.77 7.88
CA GLY A 87 -12.90 5.79 7.57
C GLY A 87 -13.43 5.57 6.17
N GLN A 88 -14.15 6.57 5.68
CA GLN A 88 -14.79 6.45 4.37
C GLN A 88 -13.78 6.01 3.32
N VAL A 89 -14.24 5.19 2.38
CA VAL A 89 -13.47 4.82 1.20
C VAL A 89 -14.26 5.25 -0.02
N VAL A 90 -13.57 5.74 -1.03
CA VAL A 90 -14.24 6.30 -2.20
C VAL A 90 -14.51 5.24 -3.25
N GLN A 91 -13.51 4.40 -3.54
CA GLN A 91 -13.69 3.36 -4.54
C GLN A 91 -13.88 2.00 -3.90
N THR A 92 -14.51 1.11 -4.66
CA THR A 92 -14.76 -0.26 -4.24
C THR A 92 -13.47 -1.08 -4.30
N LEU A 93 -13.50 -2.25 -3.65
CA LEU A 93 -12.34 -3.11 -3.73
C LEU A 93 -11.96 -3.35 -5.19
N GLU A 94 -12.95 -3.61 -6.03
CA GLU A 94 -12.69 -3.89 -7.43
C GLU A 94 -12.03 -2.70 -8.13
N GLU A 95 -12.56 -1.50 -7.92
CA GLU A 95 -11.96 -0.33 -8.55
C GLU A 95 -10.53 -0.10 -8.05
N ARG A 96 -10.30 -0.17 -6.75
CA ARG A 96 -8.95 0.04 -6.24
C ARG A 96 -8.01 -1.06 -6.71
N THR A 97 -8.54 -2.27 -6.93
CA THR A 97 -7.66 -3.38 -7.29
C THR A 97 -7.34 -3.35 -8.78
N GLU A 98 -8.29 -2.96 -9.63
CA GLU A 98 -7.97 -2.93 -11.05
C GLU A 98 -6.95 -1.85 -11.38
N THR A 99 -6.85 -0.82 -10.56
CA THR A 99 -5.87 0.21 -10.86
C THR A 99 -4.46 -0.27 -10.55
N LEU A 100 -4.22 -0.77 -9.34
CA LEU A 100 -2.93 -1.35 -8.99
C LEU A 100 -2.36 -2.23 -10.08
N LYS A 101 -3.23 -2.98 -10.76
CA LYS A 101 -2.78 -3.91 -11.80
C LYS A 101 -1.97 -3.22 -12.91
N HIS A 102 -2.12 -1.90 -13.08
CA HIS A 102 -1.39 -1.19 -14.12
C HIS A 102 -0.08 -0.57 -13.64
N ILE A 103 0.26 -0.71 -12.37
CA ILE A 103 1.46 -0.09 -11.82
C ILE A 103 2.66 -0.98 -12.10
N ARG A 104 3.71 -0.37 -12.64
CA ARG A 104 4.93 -1.09 -13.00
C ARG A 104 5.46 -1.94 -11.86
N TRP A 105 5.47 -1.41 -10.64
CA TRP A 105 6.21 -2.08 -9.58
C TRP A 105 5.49 -3.26 -8.97
N VAL A 106 4.24 -3.54 -9.37
CA VAL A 106 3.38 -4.44 -8.63
C VAL A 106 3.44 -5.82 -9.25
N ASP A 107 3.92 -6.82 -8.50
CA ASP A 107 4.13 -8.15 -9.07
C ASP A 107 2.91 -9.05 -8.86
N GLU A 108 2.34 -9.01 -7.67
CA GLU A 108 1.19 -9.83 -7.34
C GLU A 108 0.29 -9.00 -6.46
N ILE A 109 -0.99 -9.31 -6.49
CA ILE A 109 -1.94 -8.62 -5.63
C ILE A 109 -2.69 -9.64 -4.81
N ILE A 110 -2.87 -9.33 -3.53
CA ILE A 110 -3.79 -10.07 -2.67
C ILE A 110 -4.95 -9.12 -2.38
N SER A 111 -6.12 -9.47 -2.87
CA SER A 111 -7.27 -8.59 -2.79
C SER A 111 -8.54 -9.39 -2.62
N PRO A 112 -9.16 -9.38 -1.46
CA PRO A 112 -8.75 -8.51 -0.36
C PRO A 112 -7.64 -9.10 0.48
N CYS A 113 -6.95 -8.23 1.24
CA CYS A 113 -5.97 -8.71 2.18
C CYS A 113 -6.50 -8.56 3.59
N PRO A 114 -6.01 -9.37 4.52
CA PRO A 114 -6.38 -9.18 5.92
C PRO A 114 -5.97 -7.80 6.39
N TRP A 115 -6.65 -7.33 7.43
CA TRP A 115 -6.37 -6.00 7.95
C TRP A 115 -5.09 -6.00 8.78
N VAL A 116 -4.93 -6.98 9.67
CA VAL A 116 -3.74 -7.10 10.50
C VAL A 116 -2.88 -8.24 9.98
N VAL A 117 -1.59 -7.97 9.87
CA VAL A 117 -0.63 -8.97 9.41
C VAL A 117 -0.29 -9.90 10.56
N THR A 118 -0.30 -11.20 10.31
CA THR A 118 0.04 -12.19 11.30
C THR A 118 1.26 -12.98 10.89
N PRO A 119 1.94 -13.64 11.82
CA PRO A 119 3.06 -14.50 11.42
C PRO A 119 2.65 -15.60 10.46
N GLU A 120 1.46 -16.16 10.62
CA GLU A 120 0.98 -17.18 9.69
C GLU A 120 0.88 -16.64 8.28
N PHE A 121 0.27 -15.46 8.13
CA PHE A 121 0.19 -14.82 6.83
C PHE A 121 1.55 -14.84 6.13
N LEU A 122 2.60 -14.46 6.86
CA LEU A 122 3.94 -14.43 6.30
C LEU A 122 4.38 -15.80 5.81
N GLU A 123 4.28 -16.81 6.68
CA GLU A 123 4.66 -18.15 6.26
C GLU A 123 3.79 -18.63 5.10
N LYS A 124 2.48 -18.42 5.19
CA LYS A 124 1.59 -18.88 4.13
C LYS A 124 2.03 -18.39 2.77
N TYR A 125 2.44 -17.12 2.67
CA TYR A 125 2.82 -16.48 1.40
C TYR A 125 4.33 -16.40 1.18
N LYS A 126 5.12 -16.99 2.07
CA LYS A 126 6.57 -16.95 2.01
C LYS A 126 7.07 -15.50 1.93
N ILE A 127 6.59 -14.65 2.84
CA ILE A 127 6.91 -13.23 2.81
C ILE A 127 8.19 -12.97 3.58
N ASP A 128 9.13 -12.26 2.98
CA ASP A 128 10.40 -11.99 3.63
C ASP A 128 10.43 -10.67 4.39
N TYR A 129 9.79 -9.62 3.85
CA TYR A 129 9.74 -8.32 4.49
C TYR A 129 8.37 -7.70 4.27
N VAL A 130 7.86 -7.03 5.30
CA VAL A 130 6.66 -6.21 5.19
C VAL A 130 7.13 -4.77 5.03
N ALA A 131 6.60 -4.05 4.03
CA ALA A 131 7.02 -2.69 3.73
C ALA A 131 5.86 -1.74 3.97
N HIS A 132 6.10 -0.72 4.79
CA HIS A 132 5.06 0.18 5.24
C HIS A 132 5.72 1.44 5.79
N ASP A 133 4.95 2.51 5.83
CA ASP A 133 5.47 3.74 6.41
C ASP A 133 5.48 3.66 7.93
N ASP A 134 6.31 4.51 8.54
CA ASP A 134 6.46 4.55 9.99
C ASP A 134 6.25 5.99 10.53
N ASP A 144 3.81 -0.23 19.22
CA ASP A 144 3.15 -0.07 17.93
C ASP A 144 2.94 -1.42 17.29
N ILE A 145 2.04 -1.47 16.30
CA ILE A 145 1.62 -2.73 15.70
C ILE A 145 2.67 -3.37 14.80
N TYR A 146 3.78 -2.70 14.54
CA TYR A 146 4.83 -3.30 13.72
C TYR A 146 6.06 -3.66 14.53
N ALA A 147 6.01 -3.53 15.86
CA ALA A 147 7.16 -3.88 16.69
C ALA A 147 7.56 -5.33 16.52
N TRP A 148 6.59 -6.26 16.54
CA TRP A 148 6.93 -7.66 16.38
C TRP A 148 7.68 -7.91 15.08
N LEU A 149 7.36 -7.14 14.04
CA LEU A 149 8.06 -7.26 12.77
C LEU A 149 9.47 -6.69 12.84
N LYS A 150 9.65 -5.54 13.48
CA LYS A 150 10.98 -5.01 13.68
C LYS A 150 11.83 -5.91 14.57
N ARG A 151 11.23 -6.51 15.59
CA ARG A 151 12.00 -7.45 16.40
C ARG A 151 12.52 -8.60 15.55
N ALA A 152 11.77 -8.99 14.53
CA ALA A 152 12.17 -10.13 13.73
C ALA A 152 13.03 -9.75 12.54
N GLY A 153 13.45 -8.48 12.42
CA GLY A 153 14.22 -8.05 11.27
C GLY A 153 13.42 -7.95 9.99
N LYS A 154 12.10 -8.06 10.07
CA LYS A 154 11.26 -8.24 8.90
C LYS A 154 10.52 -6.97 8.50
N PHE A 155 10.82 -5.84 9.09
CA PHE A 155 10.12 -4.59 8.79
C PHE A 155 11.04 -3.64 8.05
N LYS A 156 10.62 -3.23 6.86
CA LYS A 156 11.31 -2.23 6.06
C LYS A 156 10.40 -1.02 5.94
N ALA A 157 10.86 0.14 6.41
CA ALA A 157 10.06 1.34 6.36
C ALA A 157 10.10 1.99 4.98
N THR A 158 8.98 2.54 4.55
CA THR A 158 8.92 3.39 3.38
C THR A 158 8.29 4.72 3.77
N GLN A 159 8.53 5.74 2.94
CA GLN A 159 8.14 7.11 3.21
C GLN A 159 7.00 7.55 2.31
N ARG A 160 6.15 8.42 2.83
CA ARG A 160 5.10 9.02 2.03
C ARG A 160 5.62 10.28 1.36
N THR A 161 4.84 10.82 0.43
CA THR A 161 5.16 12.08 -0.23
C THR A 161 3.96 13.00 -0.12
N GLU A 162 4.06 14.00 0.73
CA GLU A 162 2.99 14.99 0.85
C GLU A 162 2.79 15.69 -0.48
N GLY A 163 1.58 16.21 -0.69
CA GLY A 163 1.31 17.10 -1.80
C GLY A 163 0.66 16.53 -3.04
N VAL A 164 1.04 15.31 -3.41
CA VAL A 164 0.67 14.76 -4.71
C VAL A 164 -0.72 14.13 -4.67
N SER A 165 -1.61 14.66 -3.82
CA SER A 165 -2.89 13.98 -3.55
C SER A 165 -4.00 14.51 -4.43
N THR A 166 -4.86 13.58 -4.86
CA THR A 166 -6.03 13.92 -5.68
C THR A 166 -6.82 15.07 -5.08
N THR A 167 -7.37 14.86 -3.88
CA THR A 167 -7.96 15.93 -3.08
C THR A 167 -7.29 17.29 -3.36
N ASP A 168 -5.97 17.34 -3.16
CA ASP A 168 -5.25 18.60 -3.30
C ASP A 168 -5.43 19.21 -4.69
N LEU A 169 -5.75 18.39 -5.68
CA LEU A 169 -5.90 18.86 -7.04
C LEU A 169 -7.27 19.48 -7.29
N ILE A 170 -8.33 18.92 -6.69
CA ILE A 170 -9.62 19.58 -6.74
C ILE A 170 -9.46 21.02 -6.28
N VAL A 171 -8.77 21.20 -5.15
CA VAL A 171 -8.45 22.55 -4.68
C VAL A 171 -7.97 23.41 -5.84
N ARG A 172 -6.89 22.97 -6.49
CA ARG A 172 -6.31 23.72 -7.59
C ARG A 172 -7.34 24.05 -8.65
N ILE A 173 -8.13 23.06 -9.05
CA ILE A 173 -9.20 23.31 -10.02
C ILE A 173 -10.10 24.44 -9.53
N LEU A 174 -10.17 24.63 -8.21
CA LEU A 174 -11.12 25.57 -7.65
C LEU A 174 -10.59 26.99 -7.58
N LYS A 175 -9.27 27.18 -7.47
CA LYS A 175 -8.71 28.52 -7.42
C LYS A 175 -9.08 29.34 -8.66
N ASN A 176 -9.23 28.68 -9.82
CA ASN A 176 -9.64 29.35 -11.06
C ASN A 176 -11.00 30.03 -10.93
N TYR A 177 -11.74 29.75 -9.85
CA TYR A 177 -13.00 30.42 -9.55
C TYR A 177 -13.00 30.98 -8.12
N GLU A 178 -11.84 31.43 -7.62
CA GLU A 178 -11.78 32.08 -6.32
C GLU A 178 -12.61 33.36 -6.34
N ASP A 179 -13.38 33.58 -5.28
CA ASP A 179 -14.32 34.72 -5.22
C ASP A 179 -13.63 36.05 -5.49
#